data_6GBQ
#
_entry.id   6GBQ
#
_cell.length_a   70.230
_cell.length_b   45.583
_cell.length_c   110.777
_cell.angle_alpha   90.000
_cell.angle_beta   101.660
_cell.angle_gamma   90.000
#
_symmetry.space_group_name_H-M   'P 1 21 1'
#
loop_
_entity.id
_entity.type
_entity.pdbx_description
1 polymer 'Polymerase cofactor VP35'
2 water water
#
_entity_poly.entity_id   1
_entity_poly.type   'polypeptide(L)'
_entity_poly.pdbx_seq_one_letter_code
;MLKKVEDTLTMLVNATSRQNAAIEALENRLSTLESSLKPIQDMGKVISSLNRSCAEMVAKYDLLEHHHHHH
;
_entity_poly.pdbx_strand_id   A,B,C,D,E,F,G,H
#
# COMPACT_ATOMS: atom_id res chain seq x y z
N LEU A 2 1.73 39.28 -48.72
CA LEU A 2 1.18 39.22 -47.33
C LEU A 2 -0.24 38.62 -47.27
N LYS A 3 -1.03 38.77 -48.34
CA LYS A 3 -2.42 38.25 -48.39
C LYS A 3 -2.53 36.75 -48.08
N LYS A 4 -1.97 35.92 -48.96
CA LYS A 4 -2.00 34.46 -48.80
C LYS A 4 -1.22 34.02 -47.54
N VAL A 5 -0.10 34.71 -47.27
CA VAL A 5 0.78 34.39 -46.15
C VAL A 5 0.11 34.63 -44.79
N GLU A 6 -0.56 35.76 -44.64
CA GLU A 6 -1.14 36.15 -43.34
C GLU A 6 -2.32 35.27 -42.89
N ASP A 7 -3.11 34.79 -43.85
CA ASP A 7 -4.25 33.92 -43.55
C ASP A 7 -3.86 32.45 -43.35
N THR A 8 -2.73 32.03 -43.94
CA THR A 8 -2.16 30.72 -43.65
C THR A 8 -1.54 30.75 -42.25
N LEU A 9 -0.82 31.82 -41.94
CA LEU A 9 -0.22 32.00 -40.62
C LEU A 9 -1.24 31.89 -39.51
N THR A 10 -2.36 32.59 -39.65
CA THR A 10 -3.39 32.58 -38.62
C THR A 10 -3.94 31.17 -38.37
N MET A 11 -4.06 30.34 -39.41
CA MET A 11 -4.47 28.94 -39.26
C MET A 11 -3.40 28.11 -38.54
N LEU A 12 -2.14 28.36 -38.89
CA LEU A 12 -0.98 27.72 -38.28
C LEU A 12 -0.81 28.12 -36.82
N VAL A 13 -1.06 29.40 -36.52
CA VAL A 13 -1.09 29.87 -35.14
C VAL A 13 -2.20 29.17 -34.34
N ASN A 14 -3.38 29.01 -34.93
CA ASN A 14 -4.50 28.36 -34.24
C ASN A 14 -4.28 26.87 -34.07
N ALA A 15 -3.64 26.24 -35.06
CA ALA A 15 -3.29 24.82 -35.01
C ALA A 15 -2.23 24.52 -33.94
N THR A 16 -1.21 25.37 -33.86
CA THR A 16 -0.17 25.26 -32.82
C THR A 16 -0.76 25.43 -31.43
N SER A 17 -1.74 26.34 -31.30
CA SER A 17 -2.50 26.50 -30.04
C SER A 17 -3.37 25.28 -29.67
N ARG A 18 -4.02 24.65 -30.66
CA ARG A 18 -4.79 23.42 -30.44
C ARG A 18 -3.88 22.27 -30.02
N GLN A 19 -2.68 22.23 -30.58
CA GLN A 19 -1.68 21.22 -30.25
C GLN A 19 -1.25 21.26 -28.78
N ASN A 20 -1.10 22.47 -28.24
CA ASN A 20 -0.73 22.61 -26.83
C ASN A 20 -1.81 21.96 -25.97
N ALA A 21 -3.08 22.27 -26.24
CA ALA A 21 -4.19 21.71 -25.48
C ALA A 21 -4.25 20.18 -25.59
N ALA A 22 -4.04 19.65 -26.79
CA ALA A 22 -3.99 18.19 -27.01
C ALA A 22 -2.84 17.53 -26.25
N ILE A 23 -1.65 18.12 -26.34
CA ILE A 23 -0.50 17.65 -25.53
C ILE A 23 -0.82 17.66 -24.02
N GLU A 24 -1.51 18.70 -23.53
CA GLU A 24 -1.88 18.80 -22.13
C GLU A 24 -2.88 17.74 -21.67
N ALA A 25 -3.86 17.45 -22.52
CA ALA A 25 -4.81 16.38 -22.27
C ALA A 25 -4.10 15.01 -22.22
N LEU A 26 -3.05 14.86 -23.02
CA LEU A 26 -2.21 13.66 -22.97
C LEU A 26 -1.47 13.53 -21.61
N GLU A 27 -0.85 14.64 -21.14
CA GLU A 27 -0.21 14.70 -19.81
C GLU A 27 -1.16 14.34 -18.66
N ASN A 28 -2.38 14.86 -18.71
CA ASN A 28 -3.41 14.49 -17.73
C ASN A 28 -3.70 13.01 -17.72
N ARG A 29 -3.88 12.45 -18.90
CA ARG A 29 -4.21 11.04 -19.03
C ARG A 29 -3.02 10.15 -18.64
N LEU A 30 -1.81 10.64 -18.87
CA LEU A 30 -0.62 9.94 -18.45
C LEU A 30 -0.42 9.98 -16.94
N SER A 31 -0.73 11.12 -16.28
CA SER A 31 -0.68 11.22 -14.81
C SER A 31 -1.62 10.22 -14.15
N THR A 32 -2.82 10.07 -14.70
CA THR A 32 -3.80 9.09 -14.22
C THR A 32 -3.34 7.64 -14.52
N LEU A 33 -2.64 7.42 -15.63
CA LEU A 33 -2.08 6.11 -15.94
C LEU A 33 -0.93 5.75 -14.99
N GLU A 34 -0.08 6.73 -14.65
CA GLU A 34 0.99 6.52 -13.66
C GLU A 34 0.42 6.15 -12.29
N SER A 35 -0.65 6.82 -11.92
CA SER A 35 -1.36 6.55 -10.67
C SER A 35 -1.92 5.13 -10.65
N SER A 36 -2.63 4.75 -11.71
CA SER A 36 -3.22 3.42 -11.81
C SER A 36 -2.19 2.28 -11.92
N LEU A 37 -0.99 2.58 -12.41
CA LEU A 37 0.06 1.56 -12.49
C LEU A 37 0.80 1.32 -11.18
N LYS A 38 0.71 2.23 -10.20
CA LYS A 38 1.42 2.05 -8.91
C LYS A 38 1.24 0.68 -8.26
N PRO A 39 -0.02 0.25 -8.01
CA PRO A 39 -0.24 -1.06 -7.38
C PRO A 39 0.36 -2.22 -8.18
N ILE A 40 0.36 -2.10 -9.50
CA ILE A 40 0.96 -3.10 -10.39
C ILE A 40 2.51 -3.08 -10.33
N GLN A 41 3.10 -1.90 -10.22
CA GLN A 41 4.55 -1.77 -10.05
C GLN A 41 5.04 -2.36 -8.73
N ASP A 42 4.15 -2.41 -7.73
CA ASP A 42 4.45 -2.94 -6.39
C ASP A 42 4.18 -4.42 -6.21
N MET A 43 3.47 -5.06 -7.13
CA MET A 43 3.06 -6.47 -6.96
C MET A 43 4.22 -7.44 -7.19
N GLY A 44 5.29 -7.00 -7.85
CA GLY A 44 6.53 -7.76 -7.91
C GLY A 44 7.13 -8.02 -6.54
N LYS A 45 7.12 -6.99 -5.69
CA LYS A 45 7.52 -7.12 -4.28
C LYS A 45 6.62 -8.11 -3.53
N VAL A 46 5.32 -7.97 -3.70
CA VAL A 46 4.34 -8.79 -2.97
C VAL A 46 4.36 -10.24 -3.45
N ILE A 47 4.65 -10.47 -4.74
CA ILE A 47 4.85 -11.81 -5.29
C ILE A 47 6.05 -12.48 -4.61
N SER A 48 7.15 -11.76 -4.46
CA SER A 48 8.34 -12.29 -3.78
C SER A 48 8.07 -12.62 -2.31
N SER A 49 7.31 -11.77 -1.63
CA SER A 49 7.05 -12.02 -0.22
C SER A 49 6.11 -13.22 -0.06
N LEU A 50 5.11 -13.30 -0.94
CA LEU A 50 4.25 -14.48 -1.06
C LEU A 50 5.02 -15.76 -1.34
N ASN A 51 6.04 -15.68 -2.20
CA ASN A 51 6.87 -16.84 -2.49
C ASN A 51 7.47 -17.44 -1.21
N ARG A 52 8.13 -16.62 -0.41
CA ARG A 52 8.80 -17.12 0.80
C ARG A 52 7.83 -17.54 1.91
N SER A 53 6.72 -16.83 2.08
CA SER A 53 5.70 -17.18 3.10
C SER A 53 4.87 -18.41 2.72
N CYS A 54 4.56 -18.58 1.43
CA CYS A 54 3.91 -19.80 0.94
C CYS A 54 4.86 -20.99 0.96
N ALA A 55 6.14 -20.75 0.66
CA ALA A 55 7.17 -21.79 0.79
C ALA A 55 7.30 -22.24 2.23
N GLU A 56 7.34 -21.27 3.15
CA GLU A 56 7.43 -21.56 4.59
C GLU A 56 6.21 -22.35 5.08
N MET A 57 5.02 -21.97 4.61
CA MET A 57 3.80 -22.70 4.92
C MET A 57 3.84 -24.14 4.41
N VAL A 58 4.37 -24.36 3.22
CA VAL A 58 4.38 -25.69 2.61
C VAL A 58 5.33 -26.63 3.38
N ALA A 59 6.57 -26.18 3.60
CA ALA A 59 7.61 -26.98 4.26
C ALA A 59 7.20 -27.37 5.68
N LYS A 60 6.60 -26.43 6.40
CA LYS A 60 6.15 -26.66 7.78
C LYS A 60 4.91 -27.55 7.87
N TYR A 61 3.95 -27.34 6.97
CA TYR A 61 2.76 -28.18 6.93
C TYR A 61 3.06 -29.60 6.40
N ASP A 62 4.10 -29.73 5.58
CA ASP A 62 4.59 -31.06 5.21
C ASP A 62 5.01 -31.85 6.45
N LEU A 63 5.70 -31.19 7.38
CA LEU A 63 6.13 -31.80 8.63
C LEU A 63 4.92 -32.23 9.45
N LEU A 64 4.00 -31.31 9.67
CA LEU A 64 2.78 -31.58 10.43
C LEU A 64 2.08 -32.84 9.94
N GLU A 65 1.96 -32.97 8.62
CA GLU A 65 1.30 -34.12 8.01
C GLU A 65 2.16 -35.37 8.05
N HIS A 66 3.47 -35.25 7.83
CA HIS A 66 4.38 -36.40 7.97
C HIS A 66 4.47 -36.93 9.39
N HIS A 67 4.40 -36.03 10.37
CA HIS A 67 4.29 -36.44 11.77
C HIS A 67 2.96 -37.16 12.01
N HIS A 68 1.88 -36.59 11.48
CA HIS A 68 0.56 -37.20 11.64
C HIS A 68 0.43 -38.57 10.95
N HIS A 69 1.16 -38.78 9.85
CA HIS A 69 1.13 -40.08 9.15
C HIS A 69 1.75 -41.21 9.96
N HIS A 70 2.92 -40.95 10.56
CA HIS A 70 3.66 -41.97 11.32
C HIS A 70 3.18 -42.16 12.78
N HIS A 71 2.16 -41.41 13.21
CA HIS A 71 1.62 -41.48 14.57
C HIS A 71 0.09 -41.45 14.54
N LEU B 2 5.43 42.31 -42.49
CA LEU B 2 6.83 41.78 -42.36
C LEU B 2 7.23 41.63 -40.89
N LYS B 3 7.17 42.73 -40.14
CA LYS B 3 7.54 42.75 -38.72
C LYS B 3 6.61 41.86 -37.88
N LYS B 4 5.31 41.94 -38.16
CA LYS B 4 4.30 41.15 -37.45
C LYS B 4 4.39 39.66 -37.79
N VAL B 5 4.76 39.33 -39.03
CA VAL B 5 4.90 37.92 -39.44
C VAL B 5 6.21 37.28 -38.99
N GLU B 6 7.32 38.04 -38.98
CA GLU B 6 8.58 37.54 -38.43
C GLU B 6 8.39 37.24 -36.95
N ASP B 7 7.83 38.21 -36.22
CA ASP B 7 7.44 38.02 -34.81
C ASP B 7 6.58 36.75 -34.60
N THR B 8 5.64 36.50 -35.52
CA THR B 8 4.77 35.32 -35.48
C THR B 8 5.53 34.01 -35.77
N LEU B 9 6.32 34.00 -36.84
CA LEU B 9 7.13 32.82 -37.18
C LEU B 9 8.07 32.39 -36.05
N THR B 10 8.79 33.33 -35.44
CA THR B 10 9.70 33.00 -34.33
C THR B 10 8.94 32.56 -33.07
N MET B 11 7.73 33.09 -32.85
CA MET B 11 6.85 32.54 -31.80
C MET B 11 6.55 31.08 -32.10
N LEU B 12 6.21 30.78 -33.36
CA LEU B 12 5.86 29.42 -33.76
C LEU B 12 7.02 28.44 -33.59
N VAL B 13 8.22 28.85 -33.98
CA VAL B 13 9.44 28.06 -33.74
C VAL B 13 9.63 27.80 -32.24
N ASN B 14 9.41 28.83 -31.43
CA ASN B 14 9.48 28.70 -29.99
C ASN B 14 8.35 27.81 -29.47
N ALA B 15 7.12 28.05 -29.91
CA ALA B 15 5.96 27.26 -29.49
C ALA B 15 6.13 25.79 -29.87
N THR B 16 6.67 25.54 -31.07
CA THR B 16 6.88 24.19 -31.57
C THR B 16 7.92 23.45 -30.73
N SER B 17 9.01 24.13 -30.40
CA SER B 17 10.08 23.53 -29.59
C SER B 17 9.62 23.26 -28.16
N ARG B 18 8.75 24.12 -27.61
CA ARG B 18 8.05 23.85 -26.33
C ARG B 18 7.18 22.58 -26.41
N GLN B 19 6.48 22.41 -27.53
CA GLN B 19 5.69 21.19 -27.75
C GLN B 19 6.59 19.98 -27.86
N ASN B 20 7.71 20.12 -28.57
CA ASN B 20 8.69 19.06 -28.73
C ASN B 20 9.18 18.56 -27.38
N ALA B 21 9.71 19.46 -26.56
CA ALA B 21 10.21 19.08 -25.25
C ALA B 21 9.13 18.38 -24.45
N ALA B 22 7.90 18.89 -24.53
CA ALA B 22 6.77 18.26 -23.86
C ALA B 22 6.45 16.84 -24.35
N ILE B 23 6.66 16.57 -25.64
CA ILE B 23 6.47 15.23 -26.20
C ILE B 23 7.55 14.24 -25.73
N GLU B 24 8.79 14.66 -25.87
CA GLU B 24 9.94 13.90 -25.37
C GLU B 24 9.84 13.60 -23.87
N ALA B 25 9.27 14.53 -23.09
CA ALA B 25 9.06 14.33 -21.66
C ALA B 25 8.00 13.29 -21.35
N LEU B 26 6.98 13.22 -22.21
CA LEU B 26 5.98 12.15 -22.14
C LEU B 26 6.59 10.80 -22.49
N GLU B 27 7.54 10.80 -23.42
CA GLU B 27 8.24 9.56 -23.78
C GLU B 27 9.03 8.98 -22.61
N ASN B 28 9.75 9.85 -21.91
CA ASN B 28 10.53 9.46 -20.74
C ASN B 28 9.66 8.91 -19.63
N ARG B 29 8.48 9.49 -19.44
CA ARG B 29 7.53 8.95 -18.47
C ARG B 29 7.08 7.53 -18.84
N LEU B 30 6.85 7.26 -20.12
CA LEU B 30 6.52 5.91 -20.58
C LEU B 30 7.69 4.93 -20.44
N SER B 31 8.91 5.36 -20.74
CA SER B 31 10.12 4.55 -20.52
C SER B 31 10.27 4.11 -19.07
N THR B 32 10.26 5.09 -18.17
CA THR B 32 10.29 4.86 -16.74
C THR B 32 9.26 3.81 -16.32
N LEU B 33 8.05 3.93 -16.86
CA LEU B 33 6.96 3.00 -16.52
C LEU B 33 7.24 1.62 -17.02
N GLU B 34 7.75 1.52 -18.24
CA GLU B 34 8.01 0.22 -18.81
C GLU B 34 9.16 -0.47 -18.08
N SER B 35 10.28 0.22 -17.86
CA SER B 35 11.42 -0.39 -17.18
C SER B 35 11.07 -0.88 -15.77
N SER B 36 10.15 -0.21 -15.08
CA SER B 36 9.70 -0.65 -13.75
C SER B 36 8.88 -1.94 -13.79
N LEU B 37 8.19 -2.17 -14.91
CA LEU B 37 7.45 -3.43 -15.13
C LEU B 37 8.33 -4.61 -15.60
N LYS B 38 9.58 -4.34 -15.96
CA LYS B 38 10.53 -5.36 -16.43
C LYS B 38 10.80 -6.52 -15.44
N PRO B 39 10.98 -6.24 -14.13
CA PRO B 39 11.20 -7.33 -13.15
C PRO B 39 10.00 -8.27 -12.92
N ILE B 40 8.79 -7.76 -13.14
CA ILE B 40 7.56 -8.51 -12.96
C ILE B 40 7.28 -9.45 -14.14
N GLN B 41 7.82 -9.14 -15.33
CA GLN B 41 7.48 -9.85 -16.58
C GLN B 41 7.69 -11.37 -16.58
N ASP B 42 8.66 -11.83 -15.80
CA ASP B 42 9.02 -13.26 -15.75
C ASP B 42 8.48 -14.01 -14.51
N MET B 43 7.55 -13.38 -13.77
CA MET B 43 7.07 -13.93 -12.49
C MET B 43 5.81 -14.81 -12.58
N GLY B 44 5.31 -15.05 -13.80
CA GLY B 44 4.32 -16.09 -14.04
C GLY B 44 4.79 -17.49 -13.66
N LYS B 45 6.08 -17.77 -13.84
CA LYS B 45 6.65 -19.09 -13.49
C LYS B 45 6.73 -19.30 -11.96
N VAL B 46 6.98 -18.23 -11.20
CA VAL B 46 7.00 -18.30 -9.73
C VAL B 46 5.61 -18.66 -9.21
N ILE B 47 4.61 -17.98 -9.76
CA ILE B 47 3.21 -18.21 -9.40
C ILE B 47 2.84 -19.65 -9.78
N SER B 48 3.27 -20.10 -10.96
CA SER B 48 3.02 -21.46 -11.45
C SER B 48 3.62 -22.52 -10.54
N SER B 49 4.82 -22.26 -10.03
CA SER B 49 5.49 -23.21 -9.16
C SER B 49 4.81 -23.29 -7.80
N LEU B 50 4.31 -22.15 -7.31
CA LEU B 50 3.53 -22.12 -6.06
C LEU B 50 2.18 -22.81 -6.17
N ASN B 51 1.54 -22.70 -7.33
CA ASN B 51 0.30 -23.43 -7.62
C ASN B 51 0.57 -24.95 -7.61
N ARG B 52 1.67 -25.38 -8.25
CA ARG B 52 2.08 -26.79 -8.24
C ARG B 52 2.31 -27.30 -6.81
N SER B 53 3.08 -26.55 -6.03
CA SER B 53 3.36 -26.90 -4.63
C SER B 53 2.06 -27.11 -3.87
N CYS B 54 1.22 -26.09 -3.86
CA CYS B 54 -0.09 -26.17 -3.21
C CYS B 54 -0.97 -27.34 -3.72
N ALA B 55 -0.97 -27.55 -5.03
CA ALA B 55 -1.70 -28.67 -5.63
C ALA B 55 -1.12 -30.02 -5.18
N GLU B 56 0.22 -30.10 -5.10
CA GLU B 56 0.92 -31.30 -4.62
C GLU B 56 0.63 -31.62 -3.15
N MET B 57 0.57 -30.60 -2.32
CA MET B 57 0.19 -30.74 -0.92
C MET B 57 -1.25 -31.22 -0.74
N VAL B 58 -2.15 -30.71 -1.58
CA VAL B 58 -3.55 -31.17 -1.57
C VAL B 58 -3.61 -32.65 -1.94
N ALA B 59 -2.95 -33.00 -3.05
CA ALA B 59 -2.85 -34.39 -3.49
C ALA B 59 -2.24 -35.31 -2.43
N LYS B 60 -1.20 -34.84 -1.76
CA LYS B 60 -0.55 -35.63 -0.70
C LYS B 60 -1.44 -35.87 0.51
N TYR B 61 -2.11 -34.80 0.95
CA TYR B 61 -3.14 -34.87 1.98
C TYR B 61 -4.21 -35.92 1.64
N ASP B 62 -4.84 -35.78 0.46
CA ASP B 62 -5.92 -36.67 0.02
C ASP B 62 -5.47 -38.13 -0.07
N LEU B 63 -4.24 -38.34 -0.50
CA LEU B 63 -3.66 -39.68 -0.60
C LEU B 63 -3.47 -40.33 0.78
N LEU B 64 -2.66 -39.69 1.64
CA LEU B 64 -2.29 -40.28 2.92
C LEU B 64 -3.43 -40.44 3.93
N GLU B 65 -4.56 -39.79 3.69
CA GLU B 65 -5.69 -39.85 4.62
C GLU B 65 -6.94 -40.46 3.99
N HIS B 66 -7.56 -39.75 3.05
CA HIS B 66 -8.85 -40.18 2.47
C HIS B 66 -8.62 -41.14 1.31
N LEU C 2 12.49 39.63 -46.56
CA LEU C 2 12.18 38.24 -47.02
C LEU C 2 13.15 37.19 -46.45
N LYS C 3 14.44 37.53 -46.39
CA LYS C 3 15.47 36.59 -45.95
C LYS C 3 15.30 36.12 -44.51
N LYS C 4 14.99 37.04 -43.60
CA LYS C 4 14.68 36.69 -42.20
C LYS C 4 13.40 35.85 -42.08
N VAL C 5 12.43 36.08 -42.96
CA VAL C 5 11.24 35.23 -43.04
C VAL C 5 11.62 33.83 -43.55
N GLU C 6 12.39 33.77 -44.63
CA GLU C 6 12.77 32.49 -45.25
C GLU C 6 13.66 31.60 -44.35
N ASP C 7 14.52 32.22 -43.54
CA ASP C 7 15.33 31.49 -42.57
C ASP C 7 14.49 30.98 -41.41
N THR C 8 13.59 31.81 -40.89
CA THR C 8 12.72 31.41 -39.77
C THR C 8 11.72 30.33 -40.21
N LEU C 9 11.34 30.35 -41.48
CA LEU C 9 10.50 29.31 -42.07
C LEU C 9 11.24 27.97 -42.17
N THR C 10 12.51 28.02 -42.55
CA THR C 10 13.36 26.83 -42.59
C THR C 10 13.52 26.20 -41.19
N MET C 11 13.74 27.04 -40.18
CA MET C 11 13.78 26.59 -38.79
C MET C 11 12.46 25.92 -38.38
N LEU C 12 11.35 26.49 -38.84
CA LEU C 12 10.01 25.97 -38.55
C LEU C 12 9.74 24.64 -39.25
N VAL C 13 10.25 24.50 -40.46
CA VAL C 13 10.13 23.24 -41.18
C VAL C 13 10.87 22.17 -40.37
N ASN C 14 12.10 22.50 -39.96
CA ASN C 14 12.91 21.61 -39.14
C ASN C 14 12.24 21.28 -37.81
N ALA C 15 11.69 22.30 -37.13
CA ALA C 15 11.00 22.07 -35.86
C ALA C 15 9.81 21.12 -36.04
N THR C 16 9.10 21.29 -37.16
CA THR C 16 7.97 20.45 -37.47
C THR C 16 8.39 19.05 -37.90
N SER C 17 9.50 18.94 -38.62
CA SER C 17 10.10 17.65 -38.93
C SER C 17 10.45 16.90 -37.65
N ARG C 18 11.03 17.59 -36.67
CA ARG C 18 11.39 16.98 -35.39
C ARG C 18 10.17 16.47 -34.65
N GLN C 19 9.12 17.30 -34.60
CA GLN C 19 7.92 16.95 -33.87
C GLN C 19 7.26 15.70 -34.42
N ASN C 20 7.33 15.50 -35.73
CA ASN C 20 6.81 14.28 -36.35
C ASN C 20 7.58 13.08 -35.88
N ALA C 21 8.90 13.18 -35.85
CA ALA C 21 9.77 12.12 -35.33
C ALA C 21 9.54 11.86 -33.84
N ALA C 22 9.32 12.93 -33.08
CA ALA C 22 9.08 12.81 -31.64
C ALA C 22 7.78 12.08 -31.30
N ILE C 23 6.73 12.37 -32.06
CA ILE C 23 5.42 11.73 -31.93
C ILE C 23 5.50 10.24 -32.27
N GLU C 24 6.32 9.89 -33.26
CA GLU C 24 6.49 8.50 -33.64
C GLU C 24 7.33 7.70 -32.65
N ALA C 25 8.32 8.34 -32.05
CA ALA C 25 9.09 7.72 -30.95
C ALA C 25 8.17 7.49 -29.76
N LEU C 26 7.33 8.48 -29.47
CA LEU C 26 6.29 8.36 -28.46
C LEU C 26 5.31 7.22 -28.76
N GLU C 27 4.78 7.17 -29.98
CA GLU C 27 3.90 6.06 -30.41
C GLU C 27 4.56 4.72 -30.18
N ASN C 28 5.84 4.62 -30.53
CA ASN C 28 6.58 3.36 -30.40
C ASN C 28 6.86 2.95 -28.98
N ARG C 29 7.08 3.93 -28.10
CA ARG C 29 7.34 3.64 -26.72
C ARG C 29 6.05 3.19 -26.01
N LEU C 30 4.89 3.66 -26.48
CA LEU C 30 3.59 3.23 -25.96
C LEU C 30 3.29 1.77 -26.35
N SER C 31 3.59 1.42 -27.61
CA SER C 31 3.51 0.04 -28.09
C SER C 31 4.34 -0.90 -27.23
N THR C 32 5.57 -0.50 -26.95
CA THR C 32 6.45 -1.27 -26.08
C THR C 32 5.85 -1.41 -24.66
N LEU C 33 5.29 -0.33 -24.11
CA LEU C 33 4.60 -0.41 -22.82
C LEU C 33 3.38 -1.36 -22.85
N GLU C 34 2.53 -1.21 -23.87
CA GLU C 34 1.39 -2.07 -24.08
C GLU C 34 1.83 -3.54 -24.14
N SER C 35 2.93 -3.81 -24.82
CA SER C 35 3.51 -5.17 -24.89
C SER C 35 3.99 -5.68 -23.54
N SER C 36 4.65 -4.83 -22.75
CA SER C 36 5.13 -5.22 -21.43
C SER C 36 4.04 -5.63 -20.44
N LEU C 37 2.82 -5.11 -20.64
CA LEU C 37 1.69 -5.47 -19.78
C LEU C 37 1.03 -6.79 -20.13
N LYS C 38 1.16 -7.25 -21.38
CA LYS C 38 0.51 -8.52 -21.79
C LYS C 38 0.88 -9.74 -20.92
N PRO C 39 2.19 -10.02 -20.72
CA PRO C 39 2.53 -11.18 -19.88
C PRO C 39 2.01 -11.07 -18.44
N ILE C 40 1.89 -9.85 -17.93
CA ILE C 40 1.30 -9.58 -16.61
C ILE C 40 -0.21 -9.84 -16.64
N GLN C 41 -0.90 -9.39 -17.69
CA GLN C 41 -2.33 -9.75 -17.91
C GLN C 41 -2.54 -11.28 -17.99
N ASP C 42 -1.61 -11.98 -18.62
CA ASP C 42 -1.67 -13.44 -18.77
C ASP C 42 -1.49 -14.24 -17.46
N MET C 43 -0.95 -13.60 -16.41
CA MET C 43 -0.87 -14.19 -15.07
C MET C 43 -2.23 -14.30 -14.37
N GLY C 44 -3.30 -13.76 -14.97
CA GLY C 44 -4.66 -13.90 -14.45
C GLY C 44 -5.06 -15.32 -14.15
N LYS C 45 -5.06 -16.18 -15.17
CA LYS C 45 -5.52 -17.56 -15.01
C LYS C 45 -4.77 -18.29 -13.88
N VAL C 46 -3.44 -18.10 -13.84
CA VAL C 46 -2.54 -18.83 -12.93
C VAL C 46 -2.69 -18.35 -11.48
N ILE C 47 -2.87 -17.04 -11.32
CA ILE C 47 -3.17 -16.46 -10.01
C ILE C 47 -4.50 -16.98 -9.44
N SER C 48 -5.52 -17.12 -10.29
CA SER C 48 -6.80 -17.73 -9.87
C SER C 48 -6.65 -19.22 -9.54
N SER C 49 -5.87 -19.95 -10.33
CA SER C 49 -5.49 -21.31 -9.99
C SER C 49 -4.85 -21.35 -8.59
N LEU C 50 -3.81 -20.55 -8.37
CA LEU C 50 -3.13 -20.52 -7.07
C LEU C 50 -4.10 -20.18 -5.95
N ASN C 51 -4.99 -19.23 -6.20
CA ASN C 51 -5.98 -18.84 -5.20
C ASN C 51 -6.86 -20.01 -4.75
N ARG C 52 -7.32 -20.82 -5.70
CA ARG C 52 -8.15 -22.01 -5.38
C ARG C 52 -7.38 -23.10 -4.67
N SER C 53 -6.21 -23.45 -5.22
CA SER C 53 -5.40 -24.56 -4.68
C SER C 53 -4.75 -24.22 -3.33
N CYS C 54 -4.37 -22.95 -3.13
CA CYS C 54 -3.85 -22.48 -1.85
C CYS C 54 -4.94 -22.45 -0.76
N ALA C 55 -6.12 -21.96 -1.13
CA ALA C 55 -7.28 -21.96 -0.21
C ALA C 55 -7.70 -23.38 0.16
N GLU C 56 -7.62 -24.30 -0.80
CA GLU C 56 -7.92 -25.72 -0.58
C GLU C 56 -6.91 -26.39 0.36
N MET C 57 -5.63 -26.04 0.23
CA MET C 57 -4.58 -26.54 1.14
C MET C 57 -4.76 -25.99 2.56
N VAL C 58 -5.10 -24.71 2.67
CA VAL C 58 -5.38 -24.09 3.96
C VAL C 58 -6.50 -24.84 4.67
N ALA C 59 -7.67 -24.92 4.04
CA ALA C 59 -8.84 -25.58 4.64
C ALA C 59 -8.52 -26.97 5.14
N LYS C 60 -7.81 -27.75 4.33
CA LYS C 60 -7.48 -29.14 4.69
C LYS C 60 -6.42 -29.25 5.79
N TYR C 61 -5.33 -28.49 5.67
CA TYR C 61 -4.19 -28.58 6.62
C TYR C 61 -4.42 -27.83 7.96
N ASP C 62 -5.18 -26.74 7.93
CA ASP C 62 -5.62 -26.05 9.16
C ASP C 62 -6.42 -26.99 10.06
N LEU C 63 -7.36 -27.70 9.46
CA LEU C 63 -8.13 -28.76 10.13
C LEU C 63 -7.22 -29.75 10.87
N LEU C 64 -6.13 -30.14 10.21
CA LEU C 64 -5.15 -31.08 10.76
C LEU C 64 -4.29 -30.49 11.89
N GLU C 65 -4.01 -29.18 11.83
CA GLU C 65 -3.35 -28.49 12.94
C GLU C 65 -4.29 -28.31 14.12
N HIS C 66 -5.58 -28.19 13.84
CA HIS C 66 -6.61 -28.10 14.88
C HIS C 66 -6.73 -29.39 15.69
N HIS C 67 -6.79 -30.53 15.00
CA HIS C 67 -6.90 -31.84 15.65
C HIS C 67 -5.62 -32.28 16.36
N HIS C 68 -4.47 -31.95 15.80
CA HIS C 68 -3.17 -32.17 16.46
C HIS C 68 -3.04 -31.34 17.75
N HIS C 69 -3.56 -30.11 17.76
CA HIS C 69 -3.46 -29.19 18.91
C HIS C 69 -4.63 -29.24 19.90
N HIS C 70 -5.77 -29.81 19.49
CA HIS C 70 -6.95 -29.93 20.36
C HIS C 70 -7.86 -31.07 19.94
N MET D 1 10.17 32.27 -54.85
CA MET D 1 10.05 33.60 -54.19
C MET D 1 8.89 33.60 -53.18
N LEU D 2 7.73 34.16 -53.56
CA LEU D 2 6.57 34.26 -52.65
C LEU D 2 5.62 33.05 -52.77
N LYS D 3 5.53 32.44 -53.96
CA LYS D 3 4.70 31.25 -54.18
C LYS D 3 5.22 30.02 -53.41
N LYS D 4 6.54 29.89 -53.29
CA LYS D 4 7.15 28.86 -52.45
C LYS D 4 6.83 29.08 -50.97
N VAL D 5 6.84 30.33 -50.52
CA VAL D 5 6.57 30.67 -49.12
C VAL D 5 5.14 30.30 -48.70
N GLU D 6 4.16 30.68 -49.51
CA GLU D 6 2.75 30.45 -49.15
C GLU D 6 2.38 28.97 -49.03
N ASP D 7 2.82 28.13 -49.95
CA ASP D 7 2.43 26.70 -49.91
C ASP D 7 3.24 25.87 -48.90
N THR D 8 4.49 26.25 -48.64
CA THR D 8 5.24 25.70 -47.52
C THR D 8 4.51 25.92 -46.19
N LEU D 9 3.85 27.07 -46.05
CA LEU D 9 3.02 27.35 -44.87
C LEU D 9 1.77 26.46 -44.87
N THR D 10 1.17 26.26 -46.04
CA THR D 10 0.01 25.36 -46.19
C THR D 10 0.40 23.93 -45.82
N MET D 11 1.55 23.51 -46.32
CA MET D 11 2.17 22.23 -45.98
C MET D 11 2.32 22.04 -44.47
N LEU D 12 2.71 23.10 -43.77
CA LEU D 12 2.83 23.07 -42.30
C LEU D 12 1.48 23.03 -41.59
N VAL D 13 0.48 23.71 -42.16
CA VAL D 13 -0.88 23.65 -41.63
C VAL D 13 -1.40 22.21 -41.67
N ASN D 14 -1.23 21.55 -42.82
CA ASN D 14 -1.64 20.14 -42.96
C ASN D 14 -0.82 19.23 -42.06
N ALA D 15 0.49 19.45 -42.02
CA ALA D 15 1.36 18.69 -41.13
C ALA D 15 0.87 18.76 -39.70
N THR D 16 0.63 19.98 -39.21
CA THR D 16 0.26 20.20 -37.81
C THR D 16 -1.11 19.61 -37.46
N SER D 17 -2.01 19.55 -38.45
CA SER D 17 -3.31 18.86 -38.30
C SER D 17 -3.16 17.35 -38.11
N ARG D 18 -2.22 16.75 -38.86
CA ARG D 18 -1.93 15.31 -38.75
C ARG D 18 -1.26 14.97 -37.42
N GLN D 19 -0.35 15.83 -36.95
CA GLN D 19 0.21 15.70 -35.60
C GLN D 19 -0.89 15.77 -34.56
N ASN D 20 -1.81 16.71 -34.75
CA ASN D 20 -2.92 16.88 -33.83
C ASN D 20 -3.74 15.60 -33.74
N ALA D 21 -4.11 15.04 -34.89
CA ALA D 21 -4.85 13.78 -34.97
C ALA D 21 -4.07 12.64 -34.32
N ALA D 22 -2.75 12.61 -34.56
CA ALA D 22 -1.89 11.61 -33.96
C ALA D 22 -1.83 11.73 -32.43
N ILE D 23 -1.77 12.97 -31.92
CA ILE D 23 -1.76 13.19 -30.46
C ILE D 23 -3.11 12.77 -29.88
N GLU D 24 -4.20 13.09 -30.57
CA GLU D 24 -5.52 12.70 -30.06
C GLU D 24 -5.70 11.18 -30.06
N ALA D 25 -5.08 10.50 -31.03
CA ALA D 25 -5.08 9.02 -31.08
C ALA D 25 -4.22 8.40 -29.98
N LEU D 26 -3.10 9.04 -29.65
CA LEU D 26 -2.33 8.63 -28.48
C LEU D 26 -3.16 8.64 -27.21
N GLU D 27 -3.87 9.75 -26.98
CA GLU D 27 -4.76 9.87 -25.84
C GLU D 27 -5.80 8.75 -25.77
N ASN D 28 -6.43 8.46 -26.91
CA ASN D 28 -7.37 7.35 -27.01
C ASN D 28 -6.74 6.03 -26.54
N ARG D 29 -5.51 5.75 -27.01
CA ARG D 29 -4.79 4.53 -26.61
C ARG D 29 -4.49 4.49 -25.11
N LEU D 30 -4.21 5.65 -24.50
CA LEU D 30 -3.96 5.71 -23.05
C LEU D 30 -5.20 5.41 -22.20
N SER D 31 -6.39 5.91 -22.58
CA SER D 31 -7.64 5.54 -21.90
C SER D 31 -7.86 4.04 -21.94
N THR D 32 -7.80 3.50 -23.16
CA THR D 32 -7.94 2.07 -23.39
C THR D 32 -6.93 1.29 -22.55
N LEU D 33 -5.68 1.74 -22.54
CA LEU D 33 -4.69 1.12 -21.69
C LEU D 33 -5.07 1.16 -20.20
N GLU D 34 -5.58 2.29 -19.71
CA GLU D 34 -6.00 2.42 -18.29
C GLU D 34 -7.10 1.47 -17.91
N SER D 35 -8.17 1.49 -18.71
CA SER D 35 -9.31 0.62 -18.48
C SER D 35 -8.89 -0.83 -18.29
N SER D 36 -7.91 -1.26 -19.08
CA SER D 36 -7.44 -2.64 -19.05
C SER D 36 -6.60 -3.01 -17.83
N LEU D 37 -6.18 -2.02 -17.05
CA LEU D 37 -5.41 -2.26 -15.81
C LEU D 37 -6.27 -2.73 -14.64
N LYS D 38 -7.57 -2.49 -14.69
CA LYS D 38 -8.48 -2.86 -13.60
C LYS D 38 -8.39 -4.34 -13.19
N PRO D 39 -8.41 -5.28 -14.17
CA PRO D 39 -8.23 -6.70 -13.80
C PRO D 39 -6.83 -7.04 -13.27
N ILE D 40 -5.81 -6.31 -13.70
CA ILE D 40 -4.44 -6.57 -13.23
C ILE D 40 -4.30 -6.07 -11.79
N GLN D 41 -4.87 -4.91 -11.49
CA GLN D 41 -5.06 -4.43 -10.11
C GLN D 41 -5.73 -5.48 -9.21
N ASP D 42 -6.81 -6.07 -9.69
CA ASP D 42 -7.54 -7.11 -8.94
C ASP D 42 -6.67 -8.34 -8.66
N MET D 43 -5.93 -8.81 -9.66
CA MET D 43 -4.92 -9.86 -9.46
C MET D 43 -3.98 -9.53 -8.29
N GLY D 44 -3.56 -8.27 -8.21
CA GLY D 44 -2.73 -7.77 -7.13
C GLY D 44 -3.36 -7.90 -5.76
N LYS D 45 -4.67 -7.67 -5.68
CA LYS D 45 -5.41 -7.85 -4.43
C LYS D 45 -5.36 -9.30 -4.00
N VAL D 46 -5.59 -10.20 -4.95
CA VAL D 46 -5.59 -11.64 -4.67
C VAL D 46 -4.21 -12.05 -4.16
N ILE D 47 -3.17 -11.59 -4.87
CA ILE D 47 -1.78 -11.82 -4.45
C ILE D 47 -1.53 -11.31 -3.02
N SER D 48 -2.02 -10.12 -2.73
CA SER D 48 -1.89 -9.54 -1.39
C SER D 48 -2.63 -10.38 -0.36
N SER D 49 -3.84 -10.79 -0.71
CA SER D 49 -4.66 -11.63 0.17
C SER D 49 -4.03 -12.99 0.45
N LEU D 50 -3.49 -13.63 -0.58
CA LEU D 50 -2.82 -14.92 -0.44
C LEU D 50 -1.54 -14.85 0.38
N ASN D 51 -0.82 -13.73 0.29
CA ASN D 51 0.40 -13.54 1.09
C ASN D 51 0.09 -13.41 2.58
N ARG D 52 -0.89 -12.58 2.90
CA ARG D 52 -1.34 -12.38 4.29
C ARG D 52 -1.90 -13.67 4.89
N SER D 53 -2.59 -14.43 4.05
CA SER D 53 -3.16 -15.72 4.42
C SER D 53 -2.06 -16.76 4.74
N CYS D 54 -1.09 -16.88 3.84
CA CYS D 54 0.05 -17.77 4.07
C CYS D 54 0.90 -17.33 5.25
N ALA D 55 1.05 -16.03 5.45
CA ALA D 55 1.73 -15.49 6.63
C ALA D 55 0.97 -15.83 7.93
N GLU D 56 -0.35 -15.70 7.87
CA GLU D 56 -1.25 -16.03 8.99
C GLU D 56 -1.18 -17.51 9.40
N MET D 57 -1.04 -18.43 8.44
CA MET D 57 -0.98 -19.87 8.74
C MET D 57 0.37 -20.31 9.32
N VAL D 58 1.44 -19.64 8.88
CA VAL D 58 2.76 -19.78 9.50
C VAL D 58 2.73 -19.38 10.99
N ALA D 59 2.12 -18.23 11.27
CA ALA D 59 1.94 -17.74 12.64
C ALA D 59 1.16 -18.71 13.52
N LYS D 60 0.07 -19.26 12.97
CA LYS D 60 -0.78 -20.21 13.69
C LYS D 60 -0.01 -21.50 14.02
N TYR D 61 0.79 -21.98 13.07
CA TYR D 61 1.68 -23.13 13.27
C TYR D 61 2.68 -22.89 14.38
N ASP D 62 3.20 -21.66 14.48
CA ASP D 62 4.19 -21.31 15.48
C ASP D 62 3.64 -21.24 16.90
N LEU D 63 2.43 -20.72 17.06
CA LEU D 63 1.77 -20.62 18.38
C LEU D 63 1.64 -21.98 19.09
N LEU D 64 1.27 -23.02 18.34
CA LEU D 64 1.22 -24.39 18.87
C LEU D 64 2.60 -24.84 19.37
N GLU D 65 3.64 -24.51 18.62
CA GLU D 65 5.04 -24.75 19.06
C GLU D 65 5.41 -23.98 20.33
N HIS D 66 4.96 -22.73 20.41
CA HIS D 66 5.16 -21.90 21.61
C HIS D 66 4.34 -22.40 22.83
N HIS D 67 3.18 -23.01 22.58
CA HIS D 67 2.34 -23.57 23.65
C HIS D 67 2.89 -24.89 24.21
N HIS D 68 2.66 -26.00 23.51
CA HIS D 68 3.03 -27.34 23.97
C HIS D 68 3.95 -28.04 22.96
N MET E 1 -34.61 -2.79 -20.46
CA MET E 1 -33.83 -1.61 -19.95
C MET E 1 -34.45 -1.02 -18.67
N LEU E 2 -35.60 -0.35 -18.79
CA LEU E 2 -36.18 0.41 -17.65
C LEU E 2 -36.20 -0.33 -16.32
N LYS E 3 -36.62 -1.60 -16.34
CA LYS E 3 -36.70 -2.42 -15.13
C LYS E 3 -35.29 -2.84 -14.65
N LYS E 4 -34.44 -3.26 -15.59
CA LYS E 4 -33.06 -3.65 -15.27
C LYS E 4 -32.23 -2.50 -14.68
N VAL E 5 -32.45 -1.30 -15.19
CA VAL E 5 -31.75 -0.11 -14.70
C VAL E 5 -32.22 0.24 -13.28
N GLU E 6 -33.52 0.13 -12.99
CA GLU E 6 -34.01 0.33 -11.61
C GLU E 6 -33.54 -0.79 -10.65
N ASP E 7 -33.42 -2.03 -11.10
CA ASP E 7 -32.92 -3.13 -10.22
C ASP E 7 -31.48 -2.86 -9.76
N THR E 8 -30.66 -2.45 -10.72
CA THR E 8 -29.27 -2.14 -10.46
C THR E 8 -29.15 -0.97 -9.48
N LEU E 9 -29.80 0.15 -9.77
CA LEU E 9 -29.72 1.30 -8.86
C LEU E 9 -30.13 0.96 -7.41
N THR E 10 -31.19 0.14 -7.24
CA THR E 10 -31.64 -0.25 -5.90
C THR E 10 -30.61 -1.15 -5.20
N MET E 11 -30.00 -2.09 -5.95
CA MET E 11 -28.92 -2.93 -5.45
C MET E 11 -27.67 -2.12 -5.02
N LEU E 12 -27.31 -1.12 -5.81
CA LEU E 12 -26.19 -0.25 -5.50
C LEU E 12 -26.48 0.58 -4.26
N VAL E 13 -27.72 1.01 -4.08
CA VAL E 13 -28.11 1.74 -2.87
C VAL E 13 -27.93 0.85 -1.64
N ASN E 14 -28.32 -0.42 -1.76
CA ASN E 14 -28.25 -1.38 -0.66
C ASN E 14 -26.80 -1.77 -0.37
N ALA E 15 -26.02 -2.02 -1.41
CA ALA E 15 -24.58 -2.31 -1.27
C ALA E 15 -23.82 -1.17 -0.61
N THR E 16 -24.14 0.07 -0.99
CA THR E 16 -23.43 1.23 -0.46
C THR E 16 -23.83 1.50 1.01
N SER E 17 -25.09 1.25 1.36
CA SER E 17 -25.54 1.28 2.77
C SER E 17 -24.86 0.22 3.63
N ARG E 18 -24.69 -1.01 3.11
CA ARG E 18 -23.95 -2.09 3.79
C ARG E 18 -22.50 -1.69 4.06
N GLN E 19 -21.79 -1.29 3.00
CA GLN E 19 -20.43 -0.77 3.10
C GLN E 19 -20.33 0.32 4.17
N ASN E 20 -21.28 1.26 4.17
CA ASN E 20 -21.26 2.40 5.12
C ASN E 20 -21.32 1.94 6.57
N ALA E 21 -22.15 0.94 6.85
CA ALA E 21 -22.27 0.39 8.19
C ALA E 21 -20.99 -0.34 8.56
N ALA E 22 -20.46 -1.13 7.61
CA ALA E 22 -19.18 -1.82 7.81
C ALA E 22 -18.01 -0.85 8.06
N ILE E 23 -18.05 0.32 7.43
CA ILE E 23 -17.04 1.35 7.67
C ILE E 23 -17.21 1.98 9.06
N GLU E 24 -18.46 2.18 9.47
CA GLU E 24 -18.73 2.63 10.85
C GLU E 24 -18.24 1.57 11.86
N ALA E 25 -18.49 0.29 11.56
CA ALA E 25 -18.05 -0.81 12.43
C ALA E 25 -16.52 -0.85 12.57
N LEU E 26 -15.79 -0.58 11.49
CA LEU E 26 -14.35 -0.45 11.58
C LEU E 26 -13.94 0.73 12.44
N GLU E 27 -14.62 1.87 12.28
CA GLU E 27 -14.36 3.06 13.11
C GLU E 27 -14.50 2.75 14.60
N ASN E 28 -15.59 2.06 14.94
CA ASN E 28 -15.84 1.64 16.33
C ASN E 28 -14.73 0.71 16.85
N ARG E 29 -14.38 -0.33 16.09
CA ARG E 29 -13.24 -1.19 16.45
C ARG E 29 -11.92 -0.41 16.65
N LEU E 30 -11.67 0.63 15.85
CA LEU E 30 -10.51 1.51 16.10
C LEU E 30 -10.68 2.32 17.37
N SER E 31 -11.90 2.79 17.62
CA SER E 31 -12.24 3.51 18.85
C SER E 31 -12.03 2.65 20.12
N THR E 32 -12.39 1.38 20.04
CA THR E 32 -12.13 0.40 21.11
C THR E 32 -10.60 0.24 21.38
N LEU E 33 -9.79 0.13 20.33
CA LEU E 33 -8.33 0.04 20.49
C LEU E 33 -7.68 1.25 21.16
N GLU E 34 -8.08 2.47 20.78
CA GLU E 34 -7.49 3.67 21.38
C GLU E 34 -7.81 3.83 22.89
N SER E 35 -8.93 3.25 23.34
CA SER E 35 -9.25 3.21 24.78
C SER E 35 -8.27 2.33 25.57
N SER E 36 -7.88 1.20 25.00
CA SER E 36 -6.87 0.29 25.59
C SER E 36 -5.57 0.99 25.96
N LEU E 37 -5.13 1.92 25.12
CA LEU E 37 -3.84 2.59 25.27
C LEU E 37 -3.71 3.57 26.48
N LYS E 38 -4.79 3.78 27.23
CA LYS E 38 -4.75 4.64 28.43
C LYS E 38 -3.89 4.02 29.55
N PRO E 39 -4.18 2.76 29.97
CA PRO E 39 -3.26 1.99 30.84
C PRO E 39 -1.79 1.97 30.41
N ILE E 40 -1.56 2.02 29.10
CA ILE E 40 -0.24 1.87 28.50
C ILE E 40 0.41 3.22 28.08
N GLN E 41 -0.34 4.33 28.12
CA GLN E 41 0.20 5.65 27.79
C GLN E 41 1.12 6.16 28.90
N ASP E 42 0.67 5.97 30.14
CA ASP E 42 1.47 6.26 31.35
C ASP E 42 2.77 5.45 31.46
N MET E 43 2.73 4.16 31.07
CA MET E 43 3.83 3.21 31.39
C MET E 43 5.20 3.58 30.79
N GLY E 44 5.23 4.46 29.79
CA GLY E 44 6.47 5.04 29.30
C GLY E 44 7.18 5.92 30.32
N LYS E 45 6.40 6.62 31.14
CA LYS E 45 6.94 7.45 32.23
C LYS E 45 7.53 6.62 33.39
N VAL E 46 7.03 5.41 33.58
CA VAL E 46 7.49 4.50 34.65
C VAL E 46 8.86 3.89 34.33
N ILE E 47 9.10 3.53 33.05
CA ILE E 47 10.39 2.97 32.62
C ILE E 47 11.51 4.00 32.84
N SER E 48 11.23 5.26 32.51
CA SER E 48 12.15 6.37 32.77
C SER E 48 12.40 6.60 34.26
N SER E 49 11.36 6.44 35.08
CA SER E 49 11.47 6.59 36.54
C SER E 49 12.35 5.51 37.17
N LEU E 50 12.30 4.30 36.61
CA LEU E 50 13.11 3.17 37.08
C LEU E 50 14.59 3.25 36.68
N ASN E 51 14.85 3.72 35.47
CA ASN E 51 16.22 3.94 34.99
C ASN E 51 17.02 4.88 35.91
N ARG E 52 16.36 5.95 36.37
CA ARG E 52 16.97 6.89 37.33
C ARG E 52 17.26 6.25 38.69
N SER E 53 16.34 5.41 39.17
CA SER E 53 16.52 4.69 40.43
C SER E 53 17.71 3.74 40.36
N CYS E 54 17.82 3.01 39.26
CA CYS E 54 18.95 2.11 39.03
C CYS E 54 20.28 2.86 38.88
N ALA E 55 20.30 3.90 38.05
CA ALA E 55 21.49 4.72 37.84
C ALA E 55 21.98 5.44 39.10
N GLU E 56 21.09 5.64 40.09
CA GLU E 56 21.50 6.15 41.40
C GLU E 56 22.16 5.08 42.27
N MET E 57 21.66 3.85 42.20
CA MET E 57 22.23 2.75 42.97
C MET E 57 23.61 2.32 42.47
N VAL E 58 23.85 2.37 41.16
CA VAL E 58 25.19 2.13 40.60
C VAL E 58 26.19 3.23 41.01
N ALA E 59 25.70 4.47 41.12
CA ALA E 59 26.54 5.60 41.55
C ALA E 59 26.85 5.54 43.04
N LYS E 60 25.82 5.25 43.86
CA LYS E 60 25.98 5.05 45.32
C LYS E 60 26.98 3.93 45.65
N TYR E 61 27.02 2.89 44.81
CA TYR E 61 27.99 1.80 44.93
C TYR E 61 29.42 2.28 44.63
N ASP E 62 29.59 2.99 43.51
CA ASP E 62 30.91 3.47 43.07
C ASP E 62 31.43 4.59 43.95
N VAL F 5 -42.78 5.16 -4.53
CA VAL F 5 -42.32 6.35 -5.31
C VAL F 5 -41.20 7.00 -4.48
N GLU F 6 -39.98 6.90 -5.01
CA GLU F 6 -38.76 7.35 -4.35
C GLU F 6 -37.64 7.26 -5.39
N ASP F 7 -37.07 8.40 -5.76
CA ASP F 7 -36.07 8.43 -6.82
C ASP F 7 -34.77 7.73 -6.42
N THR F 8 -34.51 6.54 -6.98
CA THR F 8 -33.38 5.71 -6.55
C THR F 8 -31.98 6.37 -6.73
N LEU F 9 -31.82 7.15 -7.80
CA LEU F 9 -30.55 7.80 -8.08
C LEU F 9 -30.20 8.84 -7.02
N THR F 10 -31.18 9.60 -6.53
CA THR F 10 -30.93 10.55 -5.44
C THR F 10 -30.52 9.83 -4.14
N MET F 11 -31.07 8.64 -3.93
CA MET F 11 -30.76 7.83 -2.77
C MET F 11 -29.31 7.32 -2.90
N LEU F 12 -28.94 6.84 -4.08
CA LEU F 12 -27.55 6.39 -4.34
C LEU F 12 -26.54 7.54 -4.16
N VAL F 13 -26.91 8.74 -4.55
CA VAL F 13 -26.07 9.93 -4.39
C VAL F 13 -25.87 10.26 -2.91
N ASN F 14 -26.95 10.16 -2.14
CA ASN F 14 -26.91 10.39 -0.69
C ASN F 14 -26.14 9.25 0.01
N ALA F 15 -26.34 8.01 -0.43
CA ALA F 15 -25.57 6.87 0.07
C ALA F 15 -24.04 7.06 -0.18
N THR F 16 -23.66 7.36 -1.42
CA THR F 16 -22.26 7.61 -1.81
C THR F 16 -21.64 8.74 -1.00
N SER F 17 -22.40 9.81 -0.84
CA SER F 17 -21.98 10.96 -0.07
C SER F 17 -21.78 10.62 1.41
N ARG F 18 -22.66 9.79 1.97
CA ARG F 18 -22.48 9.32 3.35
C ARG F 18 -21.26 8.41 3.49
N GLN F 19 -20.94 7.65 2.45
CA GLN F 19 -19.69 6.90 2.43
C GLN F 19 -18.45 7.81 2.51
N ASN F 20 -18.49 9.00 1.92
CA ASN F 20 -17.36 9.95 2.10
C ASN F 20 -17.20 10.34 3.57
N ALA F 21 -18.31 10.71 4.21
CA ALA F 21 -18.28 11.15 5.61
C ALA F 21 -17.85 10.05 6.58
N ALA F 22 -18.27 8.81 6.31
CA ALA F 22 -17.86 7.64 7.09
C ALA F 22 -16.35 7.34 6.93
N ILE F 23 -15.87 7.36 5.69
CA ILE F 23 -14.44 7.17 5.41
C ILE F 23 -13.60 8.33 5.99
N GLU F 24 -14.12 9.55 5.94
CA GLU F 24 -13.44 10.68 6.56
C GLU F 24 -13.35 10.52 8.08
N ALA F 25 -14.42 10.04 8.71
CA ALA F 25 -14.44 9.79 10.15
C ALA F 25 -13.48 8.65 10.53
N LEU F 26 -13.54 7.54 9.78
CA LEU F 26 -12.56 6.45 9.91
C LEU F 26 -11.11 6.98 9.82
N GLU F 27 -10.83 7.83 8.83
CA GLU F 27 -9.51 8.46 8.66
C GLU F 27 -9.03 9.27 9.89
N ASN F 28 -9.89 10.15 10.38
CA ASN F 28 -9.64 10.92 11.60
C ASN F 28 -9.41 10.04 12.83
N ARG F 29 -10.18 8.96 12.96
CA ARG F 29 -10.02 8.06 14.10
C ARG F 29 -8.67 7.33 14.06
N LEU F 30 -8.26 6.89 12.89
CA LEU F 30 -6.95 6.25 12.75
C LEU F 30 -5.78 7.21 13.07
N SER F 31 -5.98 8.51 12.84
CA SER F 31 -4.98 9.52 13.22
C SER F 31 -4.77 9.62 14.73
N THR F 32 -5.88 9.73 15.47
CA THR F 32 -5.84 9.76 16.93
C THR F 32 -5.17 8.50 17.50
N LEU F 33 -5.45 7.33 16.90
CA LEU F 33 -4.80 6.06 17.26
C LEU F 33 -3.27 6.05 17.02
N GLU F 34 -2.83 6.55 15.87
CA GLU F 34 -1.40 6.66 15.58
C GLU F 34 -0.70 7.58 16.58
N SER F 35 -1.35 8.68 16.91
CA SER F 35 -0.87 9.60 17.96
C SER F 35 -0.80 8.94 19.34
N SER F 36 -1.81 8.13 19.66
CA SER F 36 -1.85 7.38 20.91
C SER F 36 -0.76 6.30 21.02
N LEU F 37 -0.30 5.78 19.88
CA LEU F 37 0.81 4.82 19.82
C LEU F 37 2.20 5.45 19.63
N LYS F 38 2.28 6.77 19.42
CA LYS F 38 3.58 7.44 19.25
C LYS F 38 4.48 7.42 20.51
N PRO F 39 3.89 7.55 21.73
CA PRO F 39 4.69 7.30 22.95
C PRO F 39 5.15 5.84 23.09
N ILE F 40 4.30 4.92 22.65
CA ILE F 40 4.58 3.50 22.75
C ILE F 40 5.71 3.08 21.80
N GLN F 41 5.62 3.54 20.56
CA GLN F 41 6.66 3.28 19.54
C GLN F 41 8.03 3.84 19.92
N ASP F 42 8.04 4.98 20.62
CA ASP F 42 9.30 5.63 21.06
C ASP F 42 9.94 5.05 22.33
N MET F 43 9.29 4.07 22.95
CA MET F 43 9.73 3.53 24.24
C MET F 43 11.05 2.76 24.14
N GLY F 44 11.28 2.15 22.97
CA GLY F 44 12.42 1.25 22.74
C GLY F 44 13.79 1.67 23.26
N LYS F 45 14.13 2.95 23.08
CA LYS F 45 15.44 3.46 23.50
C LYS F 45 15.54 3.63 25.03
N VAL F 46 14.45 4.00 25.68
CA VAL F 46 14.42 4.20 27.14
C VAL F 46 14.47 2.85 27.89
N ILE F 47 13.88 1.81 27.29
CA ILE F 47 14.00 0.44 27.80
C ILE F 47 15.46 -0.06 27.78
N SER F 48 16.16 0.18 26.67
CA SER F 48 17.58 -0.21 26.55
C SER F 48 18.50 0.58 27.49
N SER F 49 18.07 1.77 27.90
CA SER F 49 18.76 2.54 28.95
C SER F 49 18.55 1.89 30.34
N LEU F 50 17.32 1.46 30.60
CA LEU F 50 16.98 0.74 31.83
C LEU F 50 17.75 -0.58 31.92
N ASN F 51 17.76 -1.35 30.84
CA ASN F 51 18.45 -2.64 30.82
C ASN F 51 19.97 -2.54 31.07
N ARG F 52 20.60 -1.48 30.54
CA ARG F 52 22.04 -1.24 30.81
C ARG F 52 22.28 -0.93 32.29
N SER F 53 21.46 -0.06 32.86
CA SER F 53 21.64 0.36 34.26
C SER F 53 21.19 -0.70 35.27
N CYS F 54 20.04 -1.34 35.00
CA CYS F 54 19.50 -2.37 35.89
C CYS F 54 20.43 -3.61 35.97
N ALA F 55 20.98 -4.03 34.84
CA ALA F 55 21.97 -5.12 34.82
C ALA F 55 23.24 -4.77 35.61
N GLU F 56 23.76 -3.56 35.41
CA GLU F 56 24.93 -3.08 36.17
C GLU F 56 24.71 -3.14 37.67
N MET F 57 23.55 -2.66 38.11
CA MET F 57 23.14 -2.71 39.52
C MET F 57 23.06 -4.16 40.03
N VAL F 58 22.41 -5.03 39.27
CA VAL F 58 22.26 -6.43 39.66
C VAL F 58 23.63 -7.11 39.78
N ALA F 59 24.49 -6.86 38.80
CA ALA F 59 25.88 -7.36 38.84
C ALA F 59 26.64 -6.81 40.03
N LYS F 60 26.51 -5.50 40.26
CA LYS F 60 27.28 -4.81 41.31
C LYS F 60 26.75 -5.01 42.73
N TYR F 61 25.45 -5.30 42.89
CA TYR F 61 24.90 -5.64 44.21
C TYR F 61 24.87 -7.14 44.51
N ASP F 62 25.16 -7.98 43.51
CA ASP F 62 25.47 -9.39 43.77
C ASP F 62 26.87 -9.45 44.41
N LEU F 63 27.78 -8.59 43.96
CA LEU F 63 29.11 -8.42 44.57
C LEU F 63 29.08 -8.03 46.05
N LEU F 64 28.08 -7.22 46.43
CA LEU F 64 27.87 -6.85 47.82
C LEU F 64 27.32 -8.01 48.66
N GLU F 65 26.49 -8.86 48.05
CA GLU F 65 26.03 -10.10 48.68
C GLU F 65 27.10 -11.22 48.68
N HIS F 66 28.05 -11.13 47.74
CA HIS F 66 29.18 -12.07 47.64
C HIS F 66 30.34 -11.68 48.58
N HIS F 67 30.77 -10.42 48.53
CA HIS F 67 31.86 -9.88 49.39
C HIS F 67 31.50 -9.85 50.89
N HIS F 68 30.21 -9.71 51.19
CA HIS F 68 29.70 -9.79 52.58
C HIS F 68 29.83 -11.21 53.15
N HIS F 69 29.33 -12.20 52.39
CA HIS F 69 29.40 -13.61 52.79
C HIS F 69 30.82 -14.21 52.68
N HIS F 70 31.63 -13.72 51.74
CA HIS F 70 33.01 -14.19 51.56
C HIS F 70 33.94 -13.72 52.69
N HIS F 71 34.39 -12.46 52.63
CA HIS F 71 35.31 -11.91 53.63
C HIS F 71 34.59 -11.56 54.93
N MET G 1 -28.38 7.13 -22.24
CA MET G 1 -29.41 7.56 -21.22
C MET G 1 -29.52 9.09 -21.17
N LEU G 2 -30.52 9.58 -20.46
CA LEU G 2 -30.76 11.02 -20.30
C LEU G 2 -29.53 11.69 -19.72
N LYS G 3 -29.21 12.87 -20.25
CA LYS G 3 -28.02 13.63 -19.86
C LYS G 3 -27.76 13.69 -18.35
N LYS G 4 -28.80 14.08 -17.60
CA LYS G 4 -28.77 14.24 -16.14
C LYS G 4 -28.39 12.92 -15.43
N VAL G 5 -29.00 11.84 -15.91
CA VAL G 5 -28.69 10.51 -15.41
C VAL G 5 -27.23 10.19 -15.69
N GLU G 6 -26.80 10.38 -16.93
CA GLU G 6 -25.44 10.06 -17.34
C GLU G 6 -24.37 10.87 -16.59
N ASP G 7 -24.62 12.16 -16.38
CA ASP G 7 -23.73 13.03 -15.60
C ASP G 7 -23.67 12.66 -14.12
N THR G 8 -24.80 12.19 -13.58
CA THR G 8 -24.85 11.76 -12.21
C THR G 8 -24.02 10.48 -12.06
N LEU G 9 -24.18 9.53 -12.96
CA LEU G 9 -23.45 8.28 -12.89
C LEU G 9 -21.92 8.47 -13.03
N THR G 10 -21.54 9.34 -13.97
CA THR G 10 -20.18 9.76 -14.17
C THR G 10 -19.60 10.39 -12.87
N MET G 11 -20.35 11.30 -12.25
CA MET G 11 -19.95 11.89 -10.96
C MET G 11 -19.70 10.83 -9.88
N LEU G 12 -20.54 9.78 -9.88
CA LEU G 12 -20.44 8.71 -8.91
C LEU G 12 -19.30 7.75 -9.20
N VAL G 13 -18.96 7.56 -10.47
CA VAL G 13 -17.77 6.75 -10.81
C VAL G 13 -16.50 7.45 -10.30
N ASN G 14 -16.41 8.76 -10.44
CA ASN G 14 -15.28 9.50 -9.91
C ASN G 14 -15.20 9.46 -8.39
N ALA G 15 -16.34 9.66 -7.74
CA ALA G 15 -16.44 9.58 -6.29
C ALA G 15 -16.03 8.21 -5.75
N THR G 16 -16.54 7.14 -6.37
CA THR G 16 -16.21 5.77 -5.93
C THR G 16 -14.73 5.39 -6.09
N SER G 17 -14.06 5.94 -7.10
CA SER G 17 -12.59 5.76 -7.25
C SER G 17 -11.82 6.40 -6.10
N ARG G 18 -12.20 7.62 -5.72
CA ARG G 18 -11.56 8.31 -4.57
C ARG G 18 -11.76 7.55 -3.26
N GLN G 19 -12.98 7.05 -3.05
CA GLN G 19 -13.31 6.24 -1.88
C GLN G 19 -12.49 4.94 -1.84
N ASN G 20 -12.47 4.22 -2.96
CA ASN G 20 -11.64 3.05 -3.07
C ASN G 20 -10.12 3.34 -2.81
N ALA G 21 -9.62 4.44 -3.37
CA ALA G 21 -8.23 4.85 -3.11
C ALA G 21 -8.02 5.15 -1.64
N ALA G 22 -9.02 5.76 -1.01
CA ALA G 22 -8.94 6.06 0.41
C ALA G 22 -8.94 4.82 1.30
N ILE G 23 -9.68 3.78 0.91
CA ILE G 23 -9.67 2.48 1.62
C ILE G 23 -8.31 1.75 1.46
N GLU G 24 -7.74 1.77 0.26
CA GLU G 24 -6.41 1.20 0.03
C GLU G 24 -5.35 1.92 0.88
N ALA G 25 -5.38 3.25 0.84
CA ALA G 25 -4.52 4.08 1.69
C ALA G 25 -4.68 3.78 3.17
N LEU G 26 -5.93 3.55 3.63
CA LEU G 26 -6.16 3.14 5.03
C LEU G 26 -5.54 1.77 5.34
N GLU G 27 -5.63 0.84 4.40
CA GLU G 27 -5.05 -0.50 4.63
C GLU G 27 -3.53 -0.40 4.83
N ASN G 28 -2.84 0.32 3.95
CA ASN G 28 -1.38 0.50 4.03
C ASN G 28 -0.95 1.19 5.34
N ARG G 29 -1.79 2.07 5.88
CA ARG G 29 -1.49 2.69 7.17
C ARG G 29 -1.62 1.73 8.36
N LEU G 30 -2.57 0.80 8.31
CA LEU G 30 -2.69 -0.21 9.36
C LEU G 30 -1.52 -1.20 9.30
N SER G 31 -1.11 -1.57 8.08
CA SER G 31 0.11 -2.36 7.89
C SER G 31 1.29 -1.70 8.58
N THR G 32 1.66 -0.51 8.11
CA THR G 32 2.76 0.30 8.66
C THR G 32 2.68 0.41 10.18
N LEU G 33 1.46 0.55 10.69
CA LEU G 33 1.22 0.62 12.12
C LEU G 33 1.49 -0.73 12.80
N GLU G 34 1.07 -1.84 12.18
CA GLU G 34 1.34 -3.17 12.75
C GLU G 34 2.84 -3.50 12.76
N SER G 35 3.51 -3.29 11.62
CA SER G 35 4.95 -3.51 11.52
C SER G 35 5.74 -2.81 12.63
N SER G 36 5.40 -1.56 12.91
CA SER G 36 6.07 -0.75 13.92
C SER G 36 5.91 -1.27 15.36
N LEU G 37 4.94 -2.16 15.59
CA LEU G 37 4.78 -2.84 16.88
C LEU G 37 5.63 -4.11 17.05
N LYS G 38 6.21 -4.65 15.96
CA LYS G 38 7.12 -5.81 16.07
C LYS G 38 8.33 -5.53 16.97
N PRO G 39 9.06 -4.40 16.75
CA PRO G 39 10.23 -4.12 17.60
C PRO G 39 9.94 -3.88 19.08
N ILE G 40 8.69 -3.58 19.44
CA ILE G 40 8.31 -3.45 20.86
C ILE G 40 8.14 -4.85 21.47
N GLN G 41 7.38 -5.72 20.80
CA GLN G 41 7.23 -7.13 21.21
C GLN G 41 8.55 -7.82 21.54
N ASP G 42 9.55 -7.59 20.69
CA ASP G 42 10.89 -8.14 20.87
C ASP G 42 11.54 -7.67 22.19
N MET G 43 11.35 -6.39 22.51
CA MET G 43 11.88 -5.81 23.75
C MET G 43 11.07 -6.24 24.98
N GLY G 44 9.79 -6.60 24.79
CA GLY G 44 8.98 -7.17 25.86
C GLY G 44 9.46 -8.49 26.44
N LYS G 45 10.14 -9.30 25.62
CA LYS G 45 10.81 -10.52 26.11
C LYS G 45 12.00 -10.21 27.04
N VAL G 46 12.56 -9.02 26.92
CA VAL G 46 13.67 -8.54 27.76
C VAL G 46 13.16 -7.85 29.03
N ILE G 47 11.94 -7.31 28.99
CA ILE G 47 11.23 -6.79 30.20
C ILE G 47 10.93 -7.90 31.21
N SER G 48 10.45 -9.05 30.73
CA SER G 48 10.31 -10.25 31.58
C SER G 48 11.63 -10.66 32.22
N SER G 49 12.72 -10.57 31.46
CA SER G 49 14.07 -10.90 31.93
C SER G 49 14.51 -9.98 33.09
N LEU G 50 14.21 -8.69 32.98
CA LEU G 50 14.46 -7.72 34.06
C LEU G 50 13.61 -7.99 35.31
N ASN G 51 12.34 -8.34 35.13
CA ASN G 51 11.46 -8.64 36.26
C ASN G 51 11.97 -9.86 37.04
N ARG G 52 12.27 -10.94 36.33
CA ARG G 52 12.85 -12.15 36.92
C ARG G 52 14.13 -11.82 37.67
N SER G 53 15.00 -11.05 37.03
CA SER G 53 16.26 -10.62 37.64
C SER G 53 16.05 -9.85 38.96
N CYS G 54 15.21 -8.82 38.93
CA CYS G 54 14.86 -8.07 40.15
C CYS G 54 14.16 -8.95 41.22
N ALA G 55 13.29 -9.86 40.80
CA ALA G 55 12.59 -10.77 41.72
C ALA G 55 13.52 -11.81 42.32
N GLU G 56 14.37 -12.40 41.47
CA GLU G 56 15.39 -13.35 41.90
C GLU G 56 16.41 -12.71 42.87
N MET G 57 16.74 -11.43 42.67
CA MET G 57 17.64 -10.71 43.58
C MET G 57 17.01 -10.43 44.94
N VAL G 58 15.71 -10.19 44.97
CA VAL G 58 14.94 -10.04 46.22
C VAL G 58 14.89 -11.36 47.02
N ALA G 59 14.64 -12.47 46.33
CA ALA G 59 14.61 -13.81 46.97
C ALA G 59 15.95 -14.16 47.57
N LYS G 60 17.02 -13.90 46.82
CA LYS G 60 18.39 -14.11 47.28
C LYS G 60 18.70 -13.36 48.59
N TYR G 61 18.17 -12.14 48.71
CA TYR G 61 18.26 -11.36 49.96
C TYR G 61 17.32 -11.90 51.06
N ASP G 62 16.10 -12.28 50.69
CA ASP G 62 15.11 -12.79 51.64
C ASP G 62 15.49 -14.13 52.28
N LEU G 63 16.31 -14.92 51.59
CA LEU G 63 16.69 -16.26 52.05
C LEU G 63 18.16 -16.30 52.53
N LEU G 64 18.58 -15.25 53.23
CA LEU G 64 19.91 -15.21 53.87
C LEU G 64 19.76 -14.68 55.28
N GLU G 65 20.61 -15.16 56.19
CA GLU G 65 20.58 -14.77 57.60
C GLU G 65 21.01 -13.31 57.75
N HIS G 66 20.07 -12.46 58.21
CA HIS G 66 20.24 -11.00 58.17
C HIS G 66 21.23 -10.54 59.26
N GLU H 6 -17.83 -0.42 -22.34
CA GLU H 6 -18.75 -0.54 -21.16
C GLU H 6 -19.39 0.81 -20.81
N ASP H 7 -20.64 0.78 -20.37
CA ASP H 7 -21.34 2.00 -19.98
C ASP H 7 -21.06 2.33 -18.51
N THR H 8 -21.53 3.50 -18.08
CA THR H 8 -21.20 4.05 -16.78
C THR H 8 -21.82 3.27 -15.64
N LEU H 9 -23.02 2.73 -15.87
CA LEU H 9 -23.70 1.92 -14.89
C LEU H 9 -22.90 0.68 -14.55
N THR H 10 -22.35 0.03 -15.58
CA THR H 10 -21.52 -1.16 -15.39
C THR H 10 -20.24 -0.86 -14.62
N MET H 11 -19.60 0.27 -14.94
CA MET H 11 -18.43 0.75 -14.22
C MET H 11 -18.78 0.96 -12.75
N LEU H 12 -19.94 1.56 -12.50
CA LEU H 12 -20.38 1.84 -11.16
C LEU H 12 -20.64 0.54 -10.38
N VAL H 13 -21.23 -0.44 -11.04
CA VAL H 13 -21.44 -1.76 -10.45
C VAL H 13 -20.11 -2.41 -10.08
N ASN H 14 -19.15 -2.33 -11.00
CA ASN H 14 -17.81 -2.89 -10.78
C ASN H 14 -17.09 -2.16 -9.66
N ALA H 15 -17.20 -0.83 -9.64
CA ALA H 15 -16.57 -0.01 -8.61
C ALA H 15 -17.11 -0.33 -7.21
N THR H 16 -18.40 -0.68 -7.14
CA THR H 16 -19.06 -1.05 -5.89
C THR H 16 -18.67 -2.44 -5.44
N SER H 17 -18.56 -3.36 -6.39
CA SER H 17 -18.10 -4.71 -6.11
C SER H 17 -16.67 -4.64 -5.56
N ARG H 18 -15.79 -4.01 -6.32
CA ARG H 18 -14.42 -3.72 -5.89
C ARG H 18 -14.34 -3.19 -4.45
N GLN H 19 -15.23 -2.26 -4.11
CA GLN H 19 -15.24 -1.64 -2.78
C GLN H 19 -15.56 -2.64 -1.65
N ASN H 20 -16.44 -3.61 -1.91
CA ASN H 20 -16.69 -4.70 -0.97
C ASN H 20 -15.37 -5.37 -0.62
N ALA H 21 -14.64 -5.80 -1.64
CA ALA H 21 -13.36 -6.49 -1.40
C ALA H 21 -12.39 -5.60 -0.63
N ALA H 22 -12.34 -4.30 -0.95
CA ALA H 22 -11.41 -3.37 -0.31
C ALA H 22 -11.68 -3.19 1.18
N ILE H 23 -12.96 -3.01 1.53
CA ILE H 23 -13.41 -2.95 2.93
C ILE H 23 -13.10 -4.28 3.67
N GLU H 24 -13.26 -5.39 2.98
CA GLU H 24 -12.97 -6.73 3.53
C GLU H 24 -11.49 -6.92 3.88
N ALA H 25 -10.61 -6.54 2.95
CA ALA H 25 -9.16 -6.57 3.17
C ALA H 25 -8.74 -5.65 4.30
N LEU H 26 -9.44 -4.53 4.46
CA LEU H 26 -9.22 -3.62 5.59
C LEU H 26 -9.65 -4.21 6.94
N GLU H 27 -10.79 -4.93 6.98
CA GLU H 27 -11.24 -5.64 8.19
C GLU H 27 -10.20 -6.66 8.67
N ASN H 28 -9.63 -7.39 7.72
CA ASN H 28 -8.63 -8.42 8.03
C ASN H 28 -7.31 -7.80 8.51
N ARG H 29 -6.93 -6.68 7.92
CA ARG H 29 -5.77 -5.91 8.39
C ARG H 29 -6.01 -5.37 9.81
N LEU H 30 -7.22 -4.89 10.06
CA LEU H 30 -7.57 -4.44 11.40
C LEU H 30 -7.53 -5.61 12.42
N SER H 31 -8.09 -6.76 12.04
CA SER H 31 -8.07 -7.97 12.91
C SER H 31 -6.66 -8.31 13.40
N THR H 32 -5.71 -8.34 12.46
CA THR H 32 -4.33 -8.69 12.77
C THR H 32 -3.64 -7.60 13.60
N LEU H 33 -4.01 -6.33 13.42
CA LEU H 33 -3.52 -5.24 14.26
C LEU H 33 -3.99 -5.39 15.70
N GLU H 34 -5.29 -5.68 15.88
CA GLU H 34 -5.84 -5.99 17.21
C GLU H 34 -5.05 -7.08 17.93
N SER H 35 -4.89 -8.24 17.27
CA SER H 35 -4.13 -9.35 17.85
C SER H 35 -2.64 -9.01 18.09
N SER H 36 -2.06 -8.16 17.26
CA SER H 36 -0.68 -7.70 17.48
C SER H 36 -0.55 -6.73 18.66
N LEU H 37 -1.66 -6.21 19.19
CA LEU H 37 -1.66 -5.44 20.44
C LEU H 37 -1.96 -6.26 21.71
N LYS H 38 -2.34 -7.53 21.57
CA LYS H 38 -2.51 -8.42 22.72
C LYS H 38 -1.20 -8.71 23.50
N PRO H 39 -0.06 -8.92 22.79
CA PRO H 39 1.21 -9.10 23.52
C PRO H 39 1.81 -7.83 24.14
N ILE H 40 1.53 -6.66 23.56
CA ILE H 40 1.93 -5.38 24.20
C ILE H 40 1.07 -5.07 25.42
N GLN H 41 -0.17 -5.55 25.44
CA GLN H 41 -1.02 -5.50 26.64
C GLN H 41 -0.45 -6.42 27.73
N ASP H 42 -0.12 -7.66 27.34
CA ASP H 42 0.53 -8.64 28.24
C ASP H 42 1.91 -8.19 28.76
N MET H 43 2.57 -7.29 28.02
CA MET H 43 3.81 -6.63 28.46
C MET H 43 3.58 -5.57 29.56
N GLY H 44 2.50 -4.79 29.42
CA GLY H 44 2.14 -3.78 30.43
C GLY H 44 1.78 -4.29 31.82
N LYS H 45 1.49 -5.59 31.94
CA LYS H 45 1.33 -6.25 33.23
C LYS H 45 2.70 -6.59 33.86
N VAL H 46 3.70 -6.86 33.02
CA VAL H 46 5.06 -7.17 33.47
C VAL H 46 5.76 -5.90 34.00
N ILE H 47 5.60 -4.75 33.32
CA ILE H 47 6.18 -3.48 33.83
C ILE H 47 5.72 -3.16 35.25
N SER H 48 4.44 -3.38 35.54
CA SER H 48 3.88 -3.13 36.87
C SER H 48 4.66 -3.92 37.92
N SER H 49 4.79 -5.23 37.72
CA SER H 49 5.54 -6.09 38.64
C SER H 49 7.04 -5.77 38.67
N LEU H 50 7.57 -5.29 37.56
CA LEU H 50 8.94 -4.81 37.49
C LEU H 50 9.11 -3.56 38.35
N ASN H 51 8.16 -2.64 38.30
CA ASN H 51 8.17 -1.49 39.20
C ASN H 51 8.09 -1.90 40.68
N ARG H 52 7.30 -2.93 40.97
CA ARG H 52 7.22 -3.49 42.33
C ARG H 52 8.50 -4.20 42.75
N SER H 53 9.01 -5.09 41.89
CA SER H 53 10.21 -5.87 42.22
C SER H 53 11.51 -5.04 42.22
N CYS H 54 11.62 -4.06 41.33
CA CYS H 54 12.79 -3.19 41.26
C CYS H 54 12.83 -2.24 42.45
N ALA H 55 11.67 -1.69 42.83
CA ALA H 55 11.55 -0.86 44.03
C ALA H 55 11.76 -1.65 45.32
N GLU H 56 11.29 -2.91 45.36
CA GLU H 56 11.52 -3.79 46.52
C GLU H 56 13.00 -4.13 46.66
N MET H 57 13.62 -4.50 45.54
CA MET H 57 15.05 -4.74 45.49
C MET H 57 15.85 -3.54 46.03
N VAL H 58 15.58 -2.36 45.47
CA VAL H 58 16.26 -1.10 45.87
C VAL H 58 16.16 -0.85 47.38
N ALA H 59 14.93 -0.92 47.90
CA ALA H 59 14.66 -0.71 49.34
C ALA H 59 15.40 -1.69 50.25
N LYS H 60 15.48 -2.95 49.83
CA LYS H 60 16.15 -4.01 50.61
C LYS H 60 17.67 -3.95 50.47
N TYR H 61 18.16 -3.70 49.26
CA TYR H 61 19.62 -3.54 49.03
C TYR H 61 20.19 -2.17 49.46
N ASP H 62 19.33 -1.16 49.68
CA ASP H 62 19.78 0.11 50.28
C ASP H 62 20.16 -0.08 51.75
N LEU H 63 19.47 -1.00 52.45
CA LEU H 63 19.80 -1.35 53.83
C LEU H 63 21.15 -2.09 53.94
N LEU H 64 21.45 -2.90 52.92
CA LEU H 64 22.71 -3.64 52.83
C LEU H 64 23.92 -2.71 52.64
N GLU H 65 23.75 -1.66 51.84
CA GLU H 65 24.79 -0.64 51.66
C GLU H 65 24.97 0.17 52.95
N HIS H 66 23.86 0.71 53.48
CA HIS H 66 23.86 1.53 54.70
C HIS H 66 24.26 0.77 55.99
N HIS H 67 24.22 -0.56 55.98
CA HIS H 67 24.69 -1.39 57.11
C HIS H 67 26.12 -1.89 56.91
N HIS H 68 26.33 -2.72 55.89
CA HIS H 68 27.66 -3.28 55.58
C HIS H 68 28.53 -2.24 54.88
#